data_6BPF
#
_entry.id   6BPF
#
_cell.length_a   95.590
_cell.length_b   41.940
_cell.length_c   56.360
_cell.angle_alpha   90.000
_cell.angle_beta   94.090
_cell.angle_gamma   90.000
#
_symmetry.space_group_name_H-M   'C 1 2 1'
#
loop_
_entity.id
_entity.type
_entity.pdbx_description
1 polymer Beta-lactamase
2 non-polymer (2S,5R)-1-formyl-5-[(sulfooxy)amino]piperidine-2-carboxamide
3 water water
#
_entity_poly.entity_id   1
_entity_poly.type   'polypeptide(L)'
_entity_poly.pdbx_seq_one_letter_code
;NHIQHQMVQQLSALEKSANGRLGVAVIDTGSGAIAGWRMDEPFPMCSTSKVMAVAALLKQSEQTPELMSQPQPVASGDLV
NYNPITERFVGKSMTFDELSAATLQYSDNAAMNLILAKLGGPQKVTAFARSIGDDKFRLDRNEPSLNTAIPGDLRDTSTP
RAMALSLQKLALGDALGQVQREKLSHWLRGNTTGAASIRAGLPSGWSVGDKTGSGDYGTTNDIAVVWPTGRPPLVIVTYF
TQPQQQAESQRPVLAKAAAIVASHY
;
_entity_poly.pdbx_strand_id   A
#
# COMPACT_ATOMS: atom_id res chain seq x y z
N ASN A 1 -4.02 12.79 -16.94
CA ASN A 1 -4.84 13.28 -15.83
C ASN A 1 -6.23 13.67 -16.34
N HIS A 2 -7.25 12.97 -15.85
CA HIS A 2 -8.62 13.21 -16.27
C HIS A 2 -9.45 13.85 -15.16
N ILE A 3 -8.79 14.48 -14.19
CA ILE A 3 -9.48 15.04 -13.03
C ILE A 3 -10.30 16.26 -13.45
N GLN A 4 -11.51 16.34 -12.93
CA GLN A 4 -12.34 17.50 -13.20
C GLN A 4 -11.82 18.69 -12.40
N HIS A 5 -12.14 19.88 -12.93
CA HIS A 5 -11.82 21.13 -12.27
C HIS A 5 -12.33 21.17 -10.83
N GLN A 6 -13.57 20.72 -10.62
CA GLN A 6 -14.13 20.74 -9.26
C GLN A 6 -13.35 19.86 -8.30
N MET A 7 -12.94 18.68 -8.74
CA MET A 7 -12.22 17.78 -7.86
C MET A 7 -10.86 18.35 -7.47
N VAL A 8 -10.17 18.98 -8.42
CA VAL A 8 -8.91 19.65 -8.14
C VAL A 8 -9.09 20.71 -7.07
N GLN A 9 -10.12 21.56 -7.23
CA GLN A 9 -10.41 22.57 -6.21
C GLN A 9 -10.60 21.95 -4.83
N GLN A 10 -11.34 20.83 -4.76
CA GLN A 10 -11.63 20.23 -3.46
C GLN A 10 -10.39 19.62 -2.83
N LEU A 11 -9.57 18.94 -3.64
CA LEU A 11 -8.37 18.32 -3.09
C LEU A 11 -7.34 19.37 -2.68
N SER A 12 -7.25 20.46 -3.45
CA SER A 12 -6.37 21.57 -3.09
C SER A 12 -6.79 22.18 -1.76
N ALA A 13 -8.10 22.43 -1.60
CA ALA A 13 -8.60 23.01 -0.37
C ALA A 13 -8.37 22.07 0.81
N LEU A 14 -8.56 20.77 0.60
CA LEU A 14 -8.32 19.78 1.66
C LEU A 14 -6.86 19.82 2.10
N GLU A 15 -5.95 19.79 1.14
CA GLU A 15 -4.52 19.87 1.46
C GLU A 15 -4.21 21.11 2.30
N LYS A 16 -4.73 22.27 1.88
CA LYS A 16 -4.46 23.51 2.60
C LYS A 16 -5.04 23.48 4.01
N SER A 17 -6.28 23.00 4.16
CA SER A 17 -6.90 22.89 5.47
C SER A 17 -6.09 21.99 6.40
N ALA A 18 -5.48 20.94 5.86
CA ALA A 18 -4.76 19.98 6.67
C ALA A 18 -3.30 20.35 6.92
N ASN A 19 -2.77 21.38 6.25
CA ASN A 19 -1.39 21.82 6.40
C ASN A 19 -0.40 20.68 6.14
N GLY A 20 -0.51 20.13 4.94
CA GLY A 20 0.45 19.15 4.50
C GLY A 20 0.53 19.07 3.00
N ARG A 21 1.11 17.99 2.51
CA ARG A 21 1.25 17.71 1.09
C ARG A 21 0.48 16.42 0.80
N LEU A 22 -0.55 16.54 -0.04
CA LEU A 22 -1.49 15.47 -0.34
C LEU A 22 -1.26 14.98 -1.76
N GLY A 23 -1.24 13.67 -1.96
CA GLY A 23 -1.15 13.10 -3.28
C GLY A 23 -2.25 12.09 -3.47
N VAL A 24 -3.07 12.25 -4.52
CA VAL A 24 -4.23 11.42 -4.74
C VAL A 24 -4.26 10.97 -6.19
N ALA A 25 -4.51 9.69 -6.43
CA ALA A 25 -4.82 9.19 -7.76
C ALA A 25 -6.05 8.28 -7.65
N VAL A 26 -6.95 8.40 -8.61
CA VAL A 26 -8.08 7.49 -8.70
C VAL A 26 -8.15 6.96 -10.14
N ILE A 27 -8.27 5.65 -10.27
CA ILE A 27 -8.48 4.99 -11.55
C ILE A 27 -9.89 4.45 -11.55
N ASP A 28 -10.68 4.83 -12.55
CA ASP A 28 -11.95 4.16 -12.84
C ASP A 28 -11.61 3.05 -13.82
N THR A 29 -11.62 1.81 -13.35
CA THR A 29 -11.19 0.71 -14.22
C THR A 29 -12.21 0.40 -15.31
N GLY A 30 -13.43 0.93 -15.20
CA GLY A 30 -14.40 0.71 -16.27
C GLY A 30 -14.04 1.47 -17.53
N SER A 31 -13.62 2.72 -17.37
CA SER A 31 -13.24 3.57 -18.50
C SER A 31 -11.74 3.68 -18.69
N GLY A 32 -10.94 3.30 -17.70
CA GLY A 32 -9.52 3.57 -17.72
C GLY A 32 -9.15 4.97 -17.32
N ALA A 33 -10.12 5.81 -16.95
CA ALA A 33 -9.84 7.20 -16.61
C ALA A 33 -9.04 7.27 -15.31
N ILE A 34 -8.05 8.18 -15.29
CA ILE A 34 -7.23 8.41 -14.11
C ILE A 34 -7.22 9.91 -13.81
N ALA A 35 -7.31 10.25 -12.53
CA ALA A 35 -7.52 11.62 -12.09
C ALA A 35 -6.82 11.78 -10.74
N GLY A 36 -6.48 13.02 -10.40
CA GLY A 36 -5.96 13.24 -9.05
C GLY A 36 -5.20 14.54 -8.93
N TRP A 37 -4.31 14.56 -7.94
CA TRP A 37 -3.74 15.78 -7.37
C TRP A 37 -2.34 15.42 -6.89
N ARG A 38 -1.34 16.17 -7.37
CA ARG A 38 0.08 15.85 -7.13
C ARG A 38 0.38 14.39 -7.44
N MET A 39 -0.24 13.86 -8.47
CA MET A 39 -0.14 12.40 -8.61
CA MET A 39 -0.14 12.40 -8.61
C MET A 39 1.19 11.95 -9.20
N ASP A 40 2.07 12.88 -9.59
CA ASP A 40 3.38 12.51 -10.11
C ASP A 40 4.54 12.92 -9.21
N GLU A 41 4.26 13.40 -8.02
CA GLU A 41 5.34 13.73 -7.11
C GLU A 41 5.71 12.49 -6.30
N PRO A 42 6.97 12.35 -5.92
CA PRO A 42 7.34 11.25 -5.00
C PRO A 42 6.79 11.52 -3.61
N PHE A 43 6.27 10.46 -2.99
CA PHE A 43 5.83 10.45 -1.60
C PHE A 43 6.46 9.25 -0.92
N PRO A 44 6.83 9.36 0.35
CA PRO A 44 7.31 8.17 1.08
C PRO A 44 6.17 7.16 1.24
N MET A 45 6.43 5.93 0.81
CA MET A 45 5.40 4.90 0.82
C MET A 45 5.10 4.36 2.20
N CYS A 46 6.09 4.32 3.07
CA CYS A 46 6.01 3.64 4.39
C CYS A 46 5.45 2.24 4.18
N SER A 47 4.50 1.78 5.00
CA SER A 47 3.99 0.42 4.97
C SER A 47 3.23 0.09 3.72
N THR A 48 2.82 1.09 2.92
CA THR A 48 2.17 0.73 1.66
C THR A 48 3.11 0.03 0.69
N SER A 49 4.44 0.13 0.91
CA SER A 49 5.39 -0.61 0.09
C SER A 49 5.25 -2.12 0.24
N LYS A 50 4.59 -2.57 1.29
CA LYS A 50 4.48 -4.00 1.55
C LYS A 50 3.64 -4.72 0.50
N VAL A 51 2.74 -4.02 -0.19
CA VAL A 51 1.96 -4.67 -1.24
C VAL A 51 2.87 -5.17 -2.36
N MET A 52 3.82 -4.32 -2.77
CA MET A 52 4.74 -4.69 -3.84
C MET A 52 5.63 -5.84 -3.42
N ALA A 53 6.05 -5.86 -2.15
CA ALA A 53 6.88 -6.95 -1.65
C ALA A 53 6.12 -8.28 -1.63
N VAL A 54 4.91 -8.30 -1.07
CA VAL A 54 4.12 -9.53 -1.07
C VAL A 54 3.82 -9.96 -2.49
N ALA A 55 3.51 -9.00 -3.37
CA ALA A 55 3.24 -9.35 -4.76
C ALA A 55 4.47 -9.99 -5.41
N ALA A 56 5.67 -9.48 -5.12
CA ALA A 56 6.89 -10.08 -5.66
C ALA A 56 7.03 -11.53 -5.20
N LEU A 57 6.70 -11.80 -3.95
CA LEU A 57 6.78 -13.16 -3.43
C LEU A 57 5.72 -14.04 -4.07
N LEU A 58 4.51 -13.52 -4.27
CA LEU A 58 3.47 -14.28 -4.93
C LEU A 58 3.85 -14.61 -6.37
N LYS A 59 4.49 -13.67 -7.07
CA LYS A 59 4.97 -13.96 -8.41
C LYS A 59 5.93 -15.13 -8.40
N GLN A 60 6.87 -15.15 -7.44
CA GLN A 60 7.80 -16.28 -7.33
C GLN A 60 7.08 -17.59 -7.05
N SER A 61 5.99 -17.55 -6.26
CA SER A 61 5.25 -18.76 -5.93
C SER A 61 4.54 -19.37 -7.13
N GLU A 62 4.40 -18.62 -8.23
CA GLU A 62 3.75 -19.15 -9.43
C GLU A 62 4.52 -20.35 -9.98
N GLN A 63 5.83 -20.37 -9.82
CA GLN A 63 6.65 -21.46 -10.30
C GLN A 63 7.02 -22.46 -9.22
N THR A 64 6.66 -22.17 -7.96
CA THR A 64 6.95 -23.04 -6.82
C THR A 64 5.79 -22.90 -5.84
N PRO A 65 4.62 -23.44 -6.19
CA PRO A 65 3.42 -23.16 -5.36
C PRO A 65 3.58 -23.53 -3.89
N GLU A 66 4.34 -24.59 -3.59
CA GLU A 66 4.63 -24.95 -2.21
C GLU A 66 5.47 -23.92 -1.47
N LEU A 67 6.01 -22.92 -2.18
CA LEU A 67 6.82 -21.89 -1.53
C LEU A 67 6.06 -21.21 -0.39
N MET A 68 4.76 -20.96 -0.58
CA MET A 68 3.99 -20.20 0.39
C MET A 68 3.66 -20.99 1.66
N SER A 69 3.81 -22.31 1.62
CA SER A 69 3.57 -23.16 2.78
C SER A 69 4.86 -23.60 3.47
N GLN A 70 6.00 -23.20 2.93
CA GLN A 70 7.28 -23.57 3.51
C GLN A 70 7.45 -22.87 4.86
N PRO A 71 7.75 -23.59 5.93
CA PRO A 71 7.96 -22.93 7.23
C PRO A 71 9.23 -22.11 7.23
N GLN A 72 9.16 -20.95 7.87
CA GLN A 72 10.30 -20.05 7.97
C GLN A 72 10.56 -19.77 9.45
N PRO A 73 11.73 -20.09 9.99
CA PRO A 73 11.99 -19.79 11.40
C PRO A 73 11.93 -18.30 11.68
N VAL A 74 11.35 -17.96 12.83
CA VAL A 74 11.28 -16.59 13.35
C VAL A 74 12.12 -16.52 14.61
N ALA A 75 13.00 -15.53 14.69
CA ALA A 75 13.89 -15.38 15.83
C ALA A 75 13.64 -14.04 16.50
N SER A 76 13.99 -13.96 17.79
CA SER A 76 13.96 -12.67 18.50
C SER A 76 14.73 -11.61 17.73
N GLY A 77 15.85 -11.99 17.10
CA GLY A 77 16.66 -11.05 16.35
C GLY A 77 15.96 -10.46 15.13
N ASP A 78 14.92 -11.12 14.63
CA ASP A 78 14.14 -10.57 13.52
C ASP A 78 13.23 -9.43 13.95
N LEU A 79 12.90 -9.35 15.23
CA LEU A 79 11.93 -8.35 15.69
C LEU A 79 12.50 -6.94 15.56
N VAL A 80 11.64 -6.00 15.13
CA VAL A 80 12.03 -4.61 15.01
C VAL A 80 11.06 -3.75 15.82
N ASN A 81 10.55 -2.66 15.24
CA ASN A 81 9.76 -1.72 16.02
C ASN A 81 8.30 -2.14 16.23
N TYR A 82 7.75 -2.97 15.36
CA TYR A 82 6.31 -3.27 15.44
C TYR A 82 6.12 -4.67 14.87
N ASN A 83 5.83 -5.63 15.76
CA ASN A 83 5.84 -7.06 15.42
C ASN A 83 4.62 -7.74 16.02
N PRO A 84 3.41 -7.27 15.70
CA PRO A 84 2.22 -7.74 16.42
C PRO A 84 1.95 -9.23 16.27
N ILE A 85 2.30 -9.82 15.14
CA ILE A 85 2.11 -11.25 14.91
C ILE A 85 3.39 -12.03 15.17
N THR A 86 4.50 -11.55 14.60
CA THR A 86 5.74 -12.34 14.64
C THR A 86 6.29 -12.48 16.05
N GLU A 87 6.00 -11.53 16.94
CA GLU A 87 6.51 -11.65 18.30
C GLU A 87 5.96 -12.90 18.99
N ARG A 88 4.81 -13.42 18.53
CA ARG A 88 4.24 -14.62 19.11
C ARG A 88 4.85 -15.91 18.56
N PHE A 89 5.74 -15.81 17.58
CA PHE A 89 6.33 -16.98 16.95
C PHE A 89 7.84 -17.08 17.14
N VAL A 90 8.41 -16.29 18.06
CA VAL A 90 9.84 -16.37 18.32
CA VAL A 90 9.84 -16.38 18.30
C VAL A 90 10.20 -17.79 18.74
N GLY A 91 11.24 -18.34 18.12
CA GLY A 91 11.62 -19.72 18.37
C GLY A 91 10.78 -20.75 17.66
N LYS A 92 9.79 -20.31 16.88
CA LYS A 92 8.96 -21.21 16.09
C LYS A 92 9.06 -20.80 14.62
N SER A 93 8.13 -21.29 13.80
CA SER A 93 8.15 -20.98 12.38
C SER A 93 6.80 -20.43 11.96
N MET A 94 6.82 -19.67 10.85
CA MET A 94 5.61 -19.22 10.17
C MET A 94 5.80 -19.51 8.69
N THR A 95 4.71 -19.80 7.99
CA THR A 95 4.84 -19.96 6.55
C THR A 95 4.87 -18.59 5.88
N PHE A 96 5.26 -18.56 4.62
CA PHE A 96 5.21 -17.31 3.88
C PHE A 96 3.78 -16.81 3.68
N ASP A 97 2.80 -17.71 3.61
CA ASP A 97 1.40 -17.27 3.64
C ASP A 97 1.08 -16.53 4.94
N GLU A 98 1.49 -17.10 6.08
CA GLU A 98 1.24 -16.44 7.36
C GLU A 98 1.98 -15.11 7.42
N LEU A 99 3.23 -15.09 6.94
CA LEU A 99 4.02 -13.87 6.96
C LEU A 99 3.39 -12.80 6.07
N SER A 100 2.87 -13.19 4.91
CA SER A 100 2.21 -12.22 4.03
C SER A 100 0.94 -11.67 4.67
N ALA A 101 0.10 -12.55 5.23
CA ALA A 101 -1.10 -12.09 5.93
C ALA A 101 -0.74 -11.15 7.07
N ALA A 102 0.31 -11.48 7.83
CA ALA A 102 0.72 -10.63 8.94
C ALA A 102 1.18 -9.27 8.43
N THR A 103 2.02 -9.23 7.39
CA THR A 103 2.50 -7.94 6.97
CA THR A 103 2.50 -7.92 6.93
C THR A 103 1.41 -7.11 6.30
N LEU A 104 0.48 -7.74 5.58
CA LEU A 104 -0.57 -6.94 4.92
C LEU A 104 -1.68 -6.52 5.87
N GLN A 105 -2.14 -7.42 6.73
CA GLN A 105 -3.37 -7.20 7.49
C GLN A 105 -3.13 -6.60 8.86
N TYR A 106 -1.92 -6.78 9.41
CA TYR A 106 -1.53 -6.18 10.68
C TYR A 106 -0.36 -5.24 10.54
N SER A 107 0.24 -5.17 9.35
CA SER A 107 1.41 -4.33 9.09
C SER A 107 2.58 -4.70 10.01
N ASP A 108 2.85 -6.00 10.10
CA ASP A 108 3.96 -6.52 10.91
C ASP A 108 5.28 -6.26 10.19
N ASN A 109 6.18 -5.50 10.83
CA ASN A 109 7.40 -5.08 10.17
C ASN A 109 8.45 -6.18 10.16
N ALA A 110 8.49 -7.03 11.18
CA ALA A 110 9.41 -8.17 11.13
C ALA A 110 9.03 -9.13 10.02
N ALA A 111 7.72 -9.32 9.81
CA ALA A 111 7.29 -10.17 8.71
C ALA A 111 7.75 -9.61 7.37
N MET A 112 7.61 -8.29 7.19
CA MET A 112 8.15 -7.64 5.99
C MET A 112 9.64 -7.92 5.79
N ASN A 113 10.43 -7.80 6.85
CA ASN A 113 11.86 -8.08 6.72
C ASN A 113 12.13 -9.53 6.34
N LEU A 114 11.34 -10.48 6.87
CA LEU A 114 11.53 -11.87 6.50
C LEU A 114 11.20 -12.09 5.03
N ILE A 115 10.19 -11.39 4.53
CA ILE A 115 9.84 -11.49 3.12
C ILE A 115 10.92 -10.85 2.25
N LEU A 116 11.41 -9.67 2.63
CA LEU A 116 12.53 -9.06 1.92
C LEU A 116 13.72 -10.00 1.84
N ALA A 117 14.03 -10.70 2.94
CA ALA A 117 15.16 -11.62 2.92
C ALA A 117 14.97 -12.72 1.87
N LYS A 118 13.76 -13.30 1.82
CA LYS A 118 13.51 -14.36 0.84
C LYS A 118 13.65 -13.85 -0.59
N LEU A 119 13.23 -12.61 -0.85
CA LEU A 119 13.26 -12.04 -2.20
C LEU A 119 14.64 -11.58 -2.64
N GLY A 120 15.58 -11.39 -1.72
CA GLY A 120 16.85 -10.79 -2.06
C GLY A 120 16.98 -9.32 -1.75
N GLY A 121 16.09 -8.78 -0.94
CA GLY A 121 16.22 -7.44 -0.43
C GLY A 121 15.35 -6.40 -1.12
N PRO A 122 15.37 -5.18 -0.58
CA PRO A 122 14.62 -4.07 -1.21
C PRO A 122 14.93 -3.89 -2.68
N GLN A 123 16.18 -4.10 -3.11
CA GLN A 123 16.51 -3.93 -4.51
C GLN A 123 15.78 -4.92 -5.40
N LYS A 124 15.47 -6.12 -4.90
CA LYS A 124 14.72 -7.07 -5.72
C LYS A 124 13.24 -6.76 -5.75
N VAL A 125 12.69 -6.11 -4.71
CA VAL A 125 11.31 -5.61 -4.81
C VAL A 125 11.23 -4.53 -5.87
N THR A 126 12.26 -3.68 -5.94
CA THR A 126 12.29 -2.65 -6.97
C THR A 126 12.37 -3.25 -8.36
N ALA A 127 13.16 -4.32 -8.52
CA ALA A 127 13.24 -4.97 -9.82
C ALA A 127 11.89 -5.59 -10.19
N PHE A 128 11.17 -6.13 -9.20
CA PHE A 128 9.83 -6.64 -9.51
C PHE A 128 8.89 -5.52 -9.95
N ALA A 129 8.95 -4.37 -9.26
CA ALA A 129 8.12 -3.24 -9.70
C ALA A 129 8.42 -2.89 -11.15
N ARG A 130 9.71 -2.85 -11.52
CA ARG A 130 10.04 -2.57 -12.92
C ARG A 130 9.44 -3.61 -13.86
N SER A 131 9.39 -4.87 -13.40
CA SER A 131 8.88 -5.95 -14.24
C SER A 131 7.39 -5.83 -14.52
N ILE A 132 6.66 -5.05 -13.72
CA ILE A 132 5.25 -4.79 -13.99
C ILE A 132 5.03 -3.38 -14.55
N GLY A 133 6.09 -2.73 -15.02
CA GLY A 133 5.96 -1.46 -15.71
C GLY A 133 5.90 -0.25 -14.81
N ASP A 134 6.34 -0.38 -13.57
CA ASP A 134 6.35 0.71 -12.60
C ASP A 134 7.78 1.22 -12.52
N ASP A 135 8.00 2.43 -13.05
CA ASP A 135 9.32 3.01 -13.13
C ASP A 135 9.57 4.05 -12.04
N LYS A 136 8.61 4.27 -11.15
CA LYS A 136 8.74 5.25 -10.08
C LYS A 136 9.02 4.59 -8.73
N PHE A 137 8.41 3.44 -8.45
CA PHE A 137 8.63 2.74 -7.20
C PHE A 137 10.12 2.51 -6.96
N ARG A 138 10.58 2.84 -5.76
CA ARG A 138 11.93 2.45 -5.35
C ARG A 138 11.88 2.08 -3.88
N LEU A 139 12.29 0.86 -3.55
CA LEU A 139 12.50 0.48 -2.17
C LEU A 139 14.00 0.39 -1.94
N ASP A 140 14.49 1.20 -1.02
CA ASP A 140 15.92 1.32 -0.74
C ASP A 140 16.32 0.66 0.56
N ARG A 141 15.47 0.70 1.56
CA ARG A 141 15.80 0.23 2.91
C ARG A 141 14.80 -0.85 3.35
N ASN A 142 15.17 -1.57 4.41
CA ASN A 142 14.25 -2.48 5.06
C ASN A 142 13.59 -1.79 6.25
N GLU A 143 12.91 -2.57 7.07
CA GLU A 143 12.25 -2.06 8.26
C GLU A 143 13.20 -1.96 9.44
N PRO A 144 13.06 -0.91 10.25
CA PRO A 144 12.04 0.15 10.16
C PRO A 144 12.50 1.45 9.49
N SER A 145 13.73 1.50 8.98
CA SER A 145 14.25 2.77 8.52
C SER A 145 13.58 3.23 7.23
N LEU A 146 12.87 2.36 6.53
CA LEU A 146 12.22 2.83 5.30
C LEU A 146 11.11 3.84 5.56
N ASN A 147 10.78 4.10 6.83
CA ASN A 147 9.68 4.99 7.21
C ASN A 147 10.12 6.38 7.65
N THR A 148 11.38 6.77 7.40
CA THR A 148 11.84 8.07 7.90
C THR A 148 11.10 9.23 7.25
N ALA A 149 10.68 9.09 5.98
CA ALA A 149 9.74 10.01 5.33
C ALA A 149 10.22 11.47 5.33
N ILE A 150 11.50 11.68 5.06
CA ILE A 150 12.09 13.02 5.14
C ILE A 150 11.74 13.80 3.86
N PRO A 151 11.27 15.04 3.97
CA PRO A 151 10.99 15.84 2.77
C PRO A 151 12.23 15.99 1.91
N GLY A 152 12.05 15.76 0.60
CA GLY A 152 13.13 15.83 -0.35
C GLY A 152 13.90 14.53 -0.51
N ASP A 153 13.73 13.57 0.38
CA ASP A 153 14.43 12.31 0.29
C ASP A 153 13.67 11.42 -0.70
N LEU A 154 14.37 10.90 -1.70
CA LEU A 154 13.77 10.04 -2.70
C LEU A 154 13.73 8.57 -2.29
N ARG A 155 14.43 8.19 -1.22
CA ARG A 155 14.42 6.79 -0.81
C ARG A 155 13.02 6.32 -0.45
N ASP A 156 12.69 5.09 -0.86
CA ASP A 156 11.45 4.44 -0.41
C ASP A 156 10.23 5.28 -0.78
N THR A 157 10.20 5.79 -2.01
CA THR A 157 9.09 6.59 -2.49
C THR A 157 8.45 5.94 -3.70
N SER A 158 7.22 6.38 -3.98
CA SER A 158 6.59 6.18 -5.28
C SER A 158 5.69 7.37 -5.54
N THR A 159 4.99 7.36 -6.67
CA THR A 159 4.02 8.42 -6.92
C THR A 159 2.60 7.88 -6.82
N PRO A 160 1.62 8.72 -6.54
CA PRO A 160 0.23 8.24 -6.50
C PRO A 160 -0.17 7.57 -7.80
N ARG A 161 0.21 8.13 -8.95
CA ARG A 161 -0.12 7.53 -10.24
C ARG A 161 0.51 6.16 -10.39
N ALA A 162 1.82 6.05 -10.17
CA ALA A 162 2.48 4.76 -10.37
C ALA A 162 1.94 3.71 -9.42
N MET A 163 1.69 4.09 -8.16
CA MET A 163 1.19 3.10 -7.22
C MET A 163 -0.22 2.66 -7.56
N ALA A 164 -1.05 3.57 -8.05
CA ALA A 164 -2.41 3.20 -8.47
C ALA A 164 -2.37 2.24 -9.64
N LEU A 165 -1.55 2.54 -10.65
CA LEU A 165 -1.45 1.66 -11.80
C LEU A 165 -0.90 0.31 -11.40
N SER A 166 0.08 0.27 -10.48
CA SER A 166 0.61 -1.02 -10.05
C SER A 166 -0.42 -1.81 -9.27
N LEU A 167 -1.15 -1.14 -8.37
CA LEU A 167 -2.15 -1.84 -7.58
C LEU A 167 -3.25 -2.40 -8.48
N GLN A 168 -3.60 -1.68 -9.54
CA GLN A 168 -4.54 -2.20 -10.52
C GLN A 168 -4.01 -3.46 -11.19
N LYS A 169 -2.77 -3.42 -11.69
CA LYS A 169 -2.22 -4.59 -12.39
C LYS A 169 -2.15 -5.81 -11.48
N LEU A 170 -1.84 -5.60 -10.20
CA LEU A 170 -1.59 -6.70 -9.26
C LEU A 170 -2.89 -7.31 -8.73
N ALA A 171 -3.83 -6.47 -8.29
CA ALA A 171 -5.03 -6.95 -7.63
C ALA A 171 -6.20 -7.16 -8.58
N LEU A 172 -6.20 -6.51 -9.74
CA LEU A 172 -7.29 -6.64 -10.70
C LEU A 172 -6.85 -7.18 -12.05
N GLY A 173 -5.65 -6.85 -12.50
CA GLY A 173 -5.17 -7.19 -13.82
C GLY A 173 -4.43 -8.50 -13.85
N ASP A 174 -3.49 -8.62 -14.78
CA ASP A 174 -2.86 -9.90 -15.10
C ASP A 174 -1.37 -9.92 -14.78
N ALA A 175 -0.91 -9.06 -13.87
CA ALA A 175 0.50 -9.10 -13.47
C ALA A 175 0.84 -10.35 -12.68
N LEU A 176 -0.14 -10.93 -11.98
CA LEU A 176 0.03 -12.15 -11.22
C LEU A 176 -0.88 -13.23 -11.81
N GLY A 177 -0.56 -14.49 -11.51
CA GLY A 177 -1.47 -15.57 -11.81
C GLY A 177 -2.76 -15.48 -11.01
N GLN A 178 -3.77 -16.23 -11.45
CA GLN A 178 -5.12 -16.10 -10.89
C GLN A 178 -5.16 -16.41 -9.40
N VAL A 179 -4.57 -17.53 -8.99
CA VAL A 179 -4.53 -17.89 -7.57
C VAL A 179 -3.86 -16.78 -6.78
N GLN A 180 -2.77 -16.24 -7.32
CA GLN A 180 -1.98 -15.25 -6.60
C GLN A 180 -2.72 -13.92 -6.49
N ARG A 181 -3.33 -13.47 -7.60
CA ARG A 181 -4.11 -12.23 -7.57
C ARG A 181 -5.25 -12.34 -6.56
N GLU A 182 -5.95 -13.48 -6.55
CA GLU A 182 -7.07 -13.63 -5.63
C GLU A 182 -6.59 -13.67 -4.18
N LYS A 183 -5.45 -14.31 -3.91
CA LYS A 183 -4.90 -14.29 -2.55
C LYS A 183 -4.59 -12.85 -2.12
N LEU A 184 -3.93 -12.10 -3.01
CA LEU A 184 -3.58 -10.71 -2.69
C LEU A 184 -4.82 -9.89 -2.43
N SER A 185 -5.83 -10.03 -3.30
CA SER A 185 -7.07 -9.28 -3.13
CA SER A 185 -7.06 -9.25 -3.11
C SER A 185 -7.77 -9.63 -1.82
N HIS A 186 -7.79 -10.91 -1.47
CA HIS A 186 -8.38 -11.36 -0.21
CA HIS A 186 -8.41 -11.30 -0.21
C HIS A 186 -7.64 -10.77 0.98
N TRP A 187 -6.30 -10.78 0.92
CA TRP A 187 -5.53 -10.24 2.03
C TRP A 187 -5.81 -8.74 2.20
N LEU A 188 -5.83 -7.98 1.08
CA LEU A 188 -6.16 -6.56 1.15
C LEU A 188 -7.56 -6.34 1.72
N ARG A 189 -8.53 -7.16 1.30
CA ARG A 189 -9.89 -7.01 1.82
C ARG A 189 -9.97 -7.29 3.32
N GLY A 190 -9.06 -8.10 3.84
CA GLY A 190 -9.04 -8.44 5.24
C GLY A 190 -8.15 -7.54 6.09
N ASN A 191 -7.67 -6.43 5.54
CA ASN A 191 -6.85 -5.52 6.33
C ASN A 191 -7.58 -5.09 7.61
N THR A 192 -6.86 -5.04 8.73
CA THR A 192 -7.44 -4.61 10.00
C THR A 192 -7.12 -3.18 10.39
N THR A 193 -6.25 -2.48 9.66
CA THR A 193 -5.76 -1.17 10.10
C THR A 193 -6.39 -0.01 9.35
N GLY A 194 -7.37 -0.25 8.48
CA GLY A 194 -7.82 0.77 7.57
C GLY A 194 -9.14 1.45 7.85
N ALA A 195 -9.78 1.19 9.00
CA ALA A 195 -11.16 1.63 9.20
C ALA A 195 -11.31 3.15 9.11
N ALA A 196 -10.32 3.89 9.61
CA ALA A 196 -10.40 5.35 9.66
C ALA A 196 -9.85 6.04 8.42
N SER A 197 -9.36 5.30 7.43
CA SER A 197 -8.67 5.88 6.29
C SER A 197 -9.60 5.87 5.08
N ILE A 198 -9.20 5.36 3.92
CA ILE A 198 -10.04 5.40 2.72
C ILE A 198 -11.43 4.83 3.00
N ARG A 199 -11.49 3.68 3.70
CA ARG A 199 -12.76 3.01 3.98
C ARG A 199 -13.79 3.95 4.60
N ALA A 200 -13.35 4.84 5.50
CA ALA A 200 -14.28 5.73 6.19
C ALA A 200 -14.94 6.74 5.27
N GLY A 201 -14.35 7.01 4.10
CA GLY A 201 -14.93 7.96 3.19
C GLY A 201 -15.79 7.37 2.09
N LEU A 202 -15.95 6.06 2.04
CA LEU A 202 -16.67 5.36 1.00
C LEU A 202 -18.00 4.82 1.50
N PRO A 203 -18.97 4.60 0.61
CA PRO A 203 -20.22 3.96 1.02
C PRO A 203 -19.96 2.67 1.77
N SER A 204 -20.68 2.50 2.88
CA SER A 204 -20.40 1.40 3.80
C SER A 204 -20.68 0.02 3.19
N GLY A 205 -21.49 -0.04 2.13
CA GLY A 205 -21.81 -1.33 1.53
C GLY A 205 -20.77 -1.86 0.57
N TRP A 206 -19.91 -0.99 0.03
CA TRP A 206 -18.91 -1.41 -0.93
C TRP A 206 -17.87 -2.32 -0.31
N SER A 207 -17.34 -3.25 -1.11
CA SER A 207 -16.24 -4.09 -0.70
C SER A 207 -14.92 -3.35 -0.99
N VAL A 208 -14.00 -3.34 -0.02
CA VAL A 208 -12.76 -2.57 -0.15
C VAL A 208 -11.60 -3.41 0.36
N GLY A 209 -10.50 -3.37 -0.37
CA GLY A 209 -9.22 -3.87 0.13
C GLY A 209 -8.25 -2.71 0.21
N ASP A 210 -7.43 -2.68 1.27
CA ASP A 210 -6.53 -1.54 1.36
C ASP A 210 -5.28 -1.91 2.14
N LYS A 211 -4.25 -1.08 2.00
CA LYS A 211 -3.04 -1.17 2.82
C LYS A 211 -2.66 0.23 3.27
N THR A 212 -2.59 0.45 4.57
CA THR A 212 -2.22 1.74 5.13
C THR A 212 -0.71 1.86 5.32
N GLY A 213 -0.28 3.07 5.68
CA GLY A 213 1.07 3.24 6.17
C GLY A 213 1.15 4.52 6.97
N SER A 214 2.17 4.59 7.82
CA SER A 214 2.42 5.76 8.64
C SER A 214 3.93 5.92 8.79
N GLY A 215 4.36 7.16 9.00
CA GLY A 215 5.77 7.35 9.28
C GLY A 215 6.01 8.69 9.94
N ASP A 216 7.29 9.03 10.05
CA ASP A 216 7.64 10.34 10.54
C ASP A 216 7.10 11.40 9.58
N TYR A 217 7.23 12.67 9.99
CA TYR A 217 6.62 13.78 9.26
C TYR A 217 5.13 13.61 9.14
N GLY A 218 4.51 12.95 10.12
CA GLY A 218 3.06 12.79 10.10
C GLY A 218 2.55 12.08 8.87
N THR A 219 3.38 11.21 8.29
CA THR A 219 3.01 10.60 7.03
C THR A 219 1.85 9.64 7.26
N THR A 220 0.81 9.77 6.45
CA THR A 220 -0.45 9.06 6.65
C THR A 220 -0.89 8.61 5.25
N ASN A 221 -0.85 7.29 5.01
CA ASN A 221 -0.98 6.75 3.65
C ASN A 221 -2.03 5.65 3.61
N ASP A 222 -2.61 5.47 2.43
CA ASP A 222 -3.51 4.34 2.21
C ASP A 222 -3.65 4.12 0.70
N ILE A 223 -3.68 2.86 0.30
CA ILE A 223 -3.88 2.49 -1.10
C ILE A 223 -4.99 1.45 -1.12
N ALA A 224 -5.92 1.58 -2.05
CA ALA A 224 -7.14 0.77 -1.98
C ALA A 224 -7.61 0.32 -3.35
N VAL A 225 -8.20 -0.87 -3.37
CA VAL A 225 -9.04 -1.32 -4.47
C VAL A 225 -10.46 -1.37 -3.94
N VAL A 226 -11.39 -0.82 -4.71
CA VAL A 226 -12.76 -0.62 -4.28
C VAL A 226 -13.67 -1.27 -5.29
N TRP A 227 -14.61 -2.09 -4.81
CA TRP A 227 -15.61 -2.73 -5.66
C TRP A 227 -16.96 -2.10 -5.38
N PRO A 228 -17.30 -0.99 -6.03
CA PRO A 228 -18.59 -0.35 -5.76
C PRO A 228 -19.73 -1.25 -6.22
N THR A 229 -20.87 -1.08 -5.59
CA THR A 229 -22.03 -1.92 -5.88
C THR A 229 -22.50 -1.68 -7.31
N GLY A 230 -22.49 -2.74 -8.13
CA GLY A 230 -23.07 -2.71 -9.45
C GLY A 230 -22.19 -2.17 -10.56
N ARG A 231 -21.02 -1.64 -10.27
CA ARG A 231 -20.21 -0.98 -11.27
C ARG A 231 -18.74 -1.37 -11.14
N PRO A 232 -17.93 -1.14 -12.18
CA PRO A 232 -16.55 -1.67 -12.18
C PRO A 232 -15.71 -1.09 -11.05
N PRO A 233 -14.67 -1.80 -10.63
CA PRO A 233 -13.88 -1.34 -9.48
C PRO A 233 -13.12 -0.05 -9.74
N LEU A 234 -12.75 0.60 -8.64
CA LEU A 234 -11.88 1.76 -8.63
C LEU A 234 -10.60 1.41 -7.88
N VAL A 235 -9.54 2.13 -8.21
CA VAL A 235 -8.29 2.08 -7.44
C VAL A 235 -8.04 3.49 -6.93
N ILE A 236 -7.80 3.61 -5.62
CA ILE A 236 -7.60 4.91 -4.99
C ILE A 236 -6.30 4.89 -4.21
N VAL A 237 -5.43 5.88 -4.44
CA VAL A 237 -4.23 6.09 -3.63
C VAL A 237 -4.36 7.45 -2.97
N THR A 238 -4.18 7.51 -1.64
CA THR A 238 -4.16 8.76 -0.89
C THR A 238 -2.90 8.76 -0.04
N TYR A 239 -1.94 9.61 -0.40
CA TYR A 239 -0.71 9.78 0.34
C TYR A 239 -0.71 11.17 0.98
N PHE A 240 -0.25 11.27 2.23
CA PHE A 240 -0.25 12.56 2.91
C PHE A 240 0.96 12.65 3.81
N THR A 241 1.66 13.78 3.76
CA THR A 241 2.84 13.97 4.59
C THR A 241 2.90 15.45 4.97
N GLN A 242 3.54 15.74 6.10
CA GLN A 242 3.38 17.03 6.77
C GLN A 242 4.74 17.68 7.00
N PRO A 243 4.75 18.97 7.33
CA PRO A 243 6.02 19.71 7.33
C PRO A 243 7.00 19.35 8.44
N GLN A 244 6.55 18.92 9.62
CA GLN A 244 7.42 18.70 10.76
C GLN A 244 7.56 17.22 11.10
N GLN A 245 8.78 16.84 11.48
CA GLN A 245 9.07 15.42 11.72
C GLN A 245 8.13 14.80 12.75
N GLN A 246 7.76 15.56 13.78
CA GLN A 246 6.93 15.03 14.85
C GLN A 246 5.44 15.20 14.64
N ALA A 247 5.00 15.60 13.45
CA ALA A 247 3.58 15.83 13.19
C ALA A 247 2.77 14.56 13.50
N GLU A 248 1.55 14.76 14.00
CA GLU A 248 0.65 13.65 14.27
C GLU A 248 -0.03 13.21 12.98
N SER A 249 -0.39 11.92 12.94
CA SER A 249 -1.09 11.36 11.78
C SER A 249 -2.45 12.03 11.62
N GLN A 250 -2.93 12.06 10.38
CA GLN A 250 -4.22 12.67 10.03
C GLN A 250 -5.01 11.71 9.13
N ARG A 251 -5.42 10.58 9.69
CA ARG A 251 -6.26 9.66 8.93
C ARG A 251 -7.54 10.29 8.37
N PRO A 252 -8.21 11.24 9.05
CA PRO A 252 -9.41 11.84 8.44
C PRO A 252 -9.16 12.55 7.13
N VAL A 253 -7.92 12.97 6.86
CA VAL A 253 -7.61 13.58 5.57
C VAL A 253 -7.79 12.56 4.44
N LEU A 254 -7.35 11.33 4.67
CA LEU A 254 -7.49 10.27 3.67
C LEU A 254 -8.95 9.90 3.47
N ALA A 255 -9.71 9.82 4.57
CA ALA A 255 -11.15 9.57 4.45
C ALA A 255 -11.83 10.64 3.62
N LYS A 256 -11.49 11.91 3.88
CA LYS A 256 -12.13 12.98 3.13
C LYS A 256 -11.70 12.96 1.67
N ALA A 257 -10.42 12.70 1.42
CA ALA A 257 -9.96 12.58 0.05
C ALA A 257 -10.71 11.47 -0.67
N ALA A 258 -10.91 10.33 0.00
CA ALA A 258 -11.66 9.22 -0.60
C ALA A 258 -13.10 9.64 -0.86
N ALA A 259 -13.72 10.35 0.08
CA ALA A 259 -15.09 10.81 -0.12
C ALA A 259 -15.18 11.76 -1.31
N ILE A 260 -14.16 12.61 -1.48
CA ILE A 260 -14.14 13.53 -2.62
C ILE A 260 -14.09 12.75 -3.92
N VAL A 261 -13.15 11.81 -4.03
CA VAL A 261 -13.04 11.06 -5.27
C VAL A 261 -14.28 10.18 -5.47
N ALA A 262 -14.79 9.59 -4.39
CA ALA A 262 -15.94 8.69 -4.52
C ALA A 262 -17.16 9.42 -5.06
N SER A 263 -17.39 10.65 -4.58
CA SER A 263 -18.55 11.42 -5.04
C SER A 263 -18.50 11.63 -6.55
N HIS A 264 -17.34 12.06 -7.07
CA HIS A 264 -17.19 12.36 -8.49
C HIS A 264 -17.31 11.10 -9.35
N TYR A 265 -17.47 9.95 -8.71
CA TYR A 265 -17.78 8.69 -9.40
C TYR A 265 -19.00 8.07 -8.72
#